data_5A88
#
_entry.id   5A88
#
_cell.length_a   68.664
_cell.length_b   68.664
_cell.length_c   147.006
_cell.angle_alpha   90.00
_cell.angle_beta   90.00
_cell.angle_gamma   120.00
#
_symmetry.space_group_name_H-M   'P 32'
#
loop_
_entity.id
_entity.type
_entity.pdbx_description
1 polymer 'RIBOFLAVIN BIOSYNTHESIS PROTEIN RIBF'
2 non-polymer "ADENOSINE-5'-DIPHOSPHATE"
3 non-polymer GLYCEROL
4 non-polymer 'CALCIUM ION'
5 water water
#
_entity_poly.entity_id   1
_entity_poly.type   'polypeptide(L)'
_entity_poly.pdbx_seq_one_letter_code
;LGRHFYVTGPVVRGAGRGGKELGFPTANQYFHDTVALPADGVYAGWLTILPTEAPVSGNMEPEVAYAAAISVGTNPTFGD
EQRSVESFVLDRDADLYGHDVKVEFVDHVRAMEKFDSVEQLLEVMAKDVQKTRTLLAQDVQAHKMAPETYFLQAES
;
_entity_poly.pdbx_strand_id   A,B,C,D
#
loop_
_chem_comp.id
_chem_comp.type
_chem_comp.name
_chem_comp.formula
ADP non-polymer ADENOSINE-5'-DIPHOSPHATE 'C10 H15 N5 O10 P2'
CA non-polymer 'CALCIUM ION' 'Ca 2'
GOL non-polymer GLYCEROL 'C3 H8 O3'
#
# COMPACT_ATOMS: atom_id res chain seq x y z
N ARG A 3 3.05 30.00 -10.92
CA ARG A 3 4.37 29.40 -11.24
C ARG A 3 4.52 29.17 -12.76
N HIS A 4 3.75 28.20 -13.26
CA HIS A 4 3.98 27.56 -14.56
C HIS A 4 2.64 27.09 -15.13
N PHE A 5 2.56 27.00 -16.44
CA PHE A 5 1.42 26.36 -17.05
C PHE A 5 1.32 24.85 -16.68
N TYR A 6 0.10 24.34 -16.51
CA TYR A 6 -0.06 22.92 -16.10
C TYR A 6 -1.37 22.33 -16.55
N VAL A 7 -1.42 20.99 -16.54
CA VAL A 7 -2.60 20.19 -16.80
C VAL A 7 -2.61 19.10 -15.73
N THR A 8 -3.78 18.54 -15.48
CA THR A 8 -3.94 17.42 -14.55
C THR A 8 -4.86 16.39 -15.21
N GLY A 9 -4.69 15.15 -14.82
CA GLY A 9 -5.63 14.11 -15.12
C GLY A 9 -5.01 12.75 -14.88
N PRO A 10 -5.79 11.70 -15.08
CA PRO A 10 -5.29 10.40 -14.77
C PRO A 10 -4.20 9.87 -15.76
N VAL A 11 -3.23 9.15 -15.22
CA VAL A 11 -2.26 8.41 -16.00
C VAL A 11 -2.95 7.11 -16.44
N VAL A 12 -2.96 6.90 -17.75
CA VAL A 12 -3.67 5.81 -18.37
C VAL A 12 -2.73 4.96 -19.25
N ARG A 13 -3.28 3.86 -19.76
CA ARG A 13 -2.56 2.89 -20.57
C ARG A 13 -2.34 3.51 -21.95
N GLY A 14 -1.14 3.32 -22.48
CA GLY A 14 -0.87 3.63 -23.88
C GLY A 14 -0.78 2.31 -24.59
N ALA A 15 0.03 2.25 -25.63
CA ALA A 15 0.19 0.98 -26.36
C ALA A 15 0.95 -0.07 -25.52
N GLY A 16 1.64 0.38 -24.46
CA GLY A 16 2.41 -0.53 -23.62
C GLY A 16 3.50 -1.31 -24.33
N ARG A 17 4.16 -0.62 -25.26
CA ARG A 17 5.35 -1.07 -25.96
C ARG A 17 6.09 0.18 -26.46
N GLY A 18 7.40 0.09 -26.61
CA GLY A 18 8.22 1.26 -26.93
C GLY A 18 8.58 2.13 -25.73
N GLY A 19 8.05 1.85 -24.55
CA GLY A 19 8.40 2.65 -23.35
C GLY A 19 9.33 1.93 -22.37
N LYS A 20 8.72 1.32 -21.36
CA LYS A 20 9.45 0.65 -20.27
C LYS A 20 10.51 -0.37 -20.79
N GLU A 21 10.16 -1.16 -21.78
CA GLU A 21 11.08 -2.17 -22.29
C GLU A 21 12.29 -1.60 -23.08
N LEU A 22 12.30 -0.30 -23.38
CA LEU A 22 13.49 0.36 -23.90
C LEU A 22 14.18 1.23 -22.84
N GLY A 23 13.71 1.17 -21.59
CA GLY A 23 14.25 2.03 -20.54
C GLY A 23 13.66 3.43 -20.46
N PHE A 24 12.60 3.76 -21.19
CA PHE A 24 12.04 5.12 -21.07
C PHE A 24 10.53 5.03 -20.87
N PRO A 25 10.10 4.47 -19.73
CA PRO A 25 8.67 4.50 -19.44
C PRO A 25 8.10 5.95 -19.38
N THR A 26 6.95 6.17 -20.01
CA THR A 26 6.28 7.47 -19.93
C THR A 26 4.82 7.34 -19.45
N ALA A 27 4.46 8.13 -18.45
CA ALA A 27 3.10 8.22 -17.93
C ALA A 27 2.22 8.91 -18.97
N ASN A 28 1.28 8.18 -19.58
CA ASN A 28 0.42 8.79 -20.62
C ASN A 28 -0.81 9.47 -20.04
N GLN A 29 -1.08 10.72 -20.50
CA GLN A 29 -2.37 11.40 -20.30
C GLN A 29 -2.92 11.85 -21.64
N TYR A 30 -4.23 11.83 -21.78
CA TYR A 30 -4.90 12.29 -22.99
C TYR A 30 -5.90 13.40 -22.68
N PHE A 31 -6.06 14.30 -23.64
CA PHE A 31 -6.84 15.51 -23.49
C PHE A 31 -7.56 15.77 -24.80
N HIS A 32 -8.76 16.30 -24.70
CA HIS A 32 -9.43 16.89 -25.86
C HIS A 32 -8.58 18.10 -26.31
N ASP A 33 -8.52 18.38 -27.60
CA ASP A 33 -7.62 19.44 -28.07
C ASP A 33 -8.07 20.90 -27.74
N THR A 34 -9.29 21.05 -27.23
CA THR A 34 -9.73 22.30 -26.62
C THR A 34 -9.13 22.62 -25.24
N VAL A 35 -8.41 21.68 -24.65
CA VAL A 35 -7.64 21.91 -23.44
C VAL A 35 -6.33 22.59 -23.91
N ALA A 36 -6.00 23.77 -23.35
CA ALA A 36 -4.78 24.46 -23.75
C ALA A 36 -3.53 23.62 -23.50
N LEU A 37 -2.68 23.49 -24.52
CA LEU A 37 -1.39 22.82 -24.36
C LEU A 37 -0.40 23.44 -25.31
N PRO A 38 0.89 23.33 -24.99
CA PRO A 38 1.89 23.82 -25.90
C PRO A 38 1.98 22.97 -27.18
N ALA A 39 2.77 23.42 -28.14
CA ALA A 39 2.91 22.68 -29.40
C ALA A 39 3.65 21.36 -29.15
N ASP A 40 3.36 20.39 -30.03
CA ASP A 40 4.06 19.11 -29.99
C ASP A 40 5.53 19.32 -29.81
N GLY A 41 6.13 18.53 -28.95
CA GLY A 41 7.56 18.70 -28.66
C GLY A 41 7.89 18.19 -27.31
N VAL A 42 9.10 18.51 -26.85
CA VAL A 42 9.60 18.04 -25.57
C VAL A 42 9.88 19.22 -24.68
N TYR A 43 9.49 19.07 -23.42
CA TYR A 43 9.45 20.13 -22.42
C TYR A 43 10.05 19.58 -21.13
N ALA A 44 10.66 20.46 -20.37
CA ALA A 44 11.20 20.13 -19.06
C ALA A 44 10.17 20.57 -18.05
N GLY A 45 9.85 19.70 -17.09
CA GLY A 45 8.84 20.02 -16.14
C GLY A 45 8.84 19.20 -14.88
N TRP A 46 7.75 19.36 -14.14
CA TRP A 46 7.52 18.71 -12.86
C TRP A 46 6.25 17.88 -12.95
N LEU A 47 6.34 16.62 -12.54
CA LEU A 47 5.16 15.79 -12.38
C LEU A 47 4.96 15.57 -10.90
N THR A 48 3.74 15.89 -10.44
CA THR A 48 3.29 15.72 -9.06
C THR A 48 2.05 14.82 -9.02
N ILE A 49 2.12 13.75 -8.22
CA ILE A 49 0.93 13.01 -7.84
C ILE A 49 0.11 13.86 -6.89
N LEU A 50 -1.11 14.21 -7.29
CA LEU A 50 -1.96 15.12 -6.52
C LEU A 50 -2.38 14.53 -5.14
N PRO A 51 -2.80 15.38 -4.18
CA PRO A 51 -3.12 14.87 -2.85
C PRO A 51 -4.09 13.70 -2.92
N THR A 52 -3.82 12.62 -2.20
CA THR A 52 -4.64 11.42 -2.31
C THR A 52 -4.52 10.50 -1.11
N GLU A 53 -5.58 9.72 -0.86
CA GLU A 53 -5.50 8.57 0.07
C GLU A 53 -5.05 7.26 -0.58
N ALA A 54 -4.85 7.24 -1.91
CA ALA A 54 -4.42 6.04 -2.63
C ALA A 54 -2.96 5.75 -2.31
N PRO A 55 -2.62 4.51 -1.89
CA PRO A 55 -1.22 4.08 -1.86
C PRO A 55 -0.56 4.21 -3.22
N VAL A 56 0.69 4.64 -3.23
CA VAL A 56 1.48 4.68 -4.47
C VAL A 56 2.53 3.59 -4.31
N SER A 57 2.70 2.74 -5.31
CA SER A 57 3.68 1.68 -5.25
C SER A 57 4.95 2.13 -5.98
N GLY A 58 6.09 2.06 -5.30
CA GLY A 58 7.38 2.44 -5.89
C GLY A 58 7.92 3.67 -5.18
N ASN A 59 8.82 4.43 -5.79
CA ASN A 59 9.57 5.46 -5.03
C ASN A 59 9.19 6.93 -5.28
N MET A 60 7.90 7.17 -5.51
CA MET A 60 7.31 8.51 -5.60
C MET A 60 6.21 8.63 -4.56
N GLU A 61 6.18 9.78 -3.89
CA GLU A 61 5.17 10.12 -2.92
C GLU A 61 4.29 11.22 -3.48
N PRO A 62 3.01 11.24 -3.07
CA PRO A 62 2.12 12.38 -3.39
C PRO A 62 2.65 13.74 -2.95
N GLU A 63 2.26 14.78 -3.69
CA GLU A 63 2.54 16.19 -3.34
C GLU A 63 4.02 16.60 -3.45
N VAL A 64 4.85 15.80 -4.12
CA VAL A 64 6.26 16.09 -4.34
C VAL A 64 6.44 16.26 -5.85
N ALA A 65 7.12 17.34 -6.28
CA ALA A 65 7.32 17.57 -7.72
C ALA A 65 8.55 16.78 -8.18
N TYR A 66 8.36 15.79 -9.05
CA TYR A 66 9.47 15.03 -9.61
C TYR A 66 9.85 15.61 -10.94
N ALA A 67 11.15 15.76 -11.15
CA ALA A 67 11.66 16.23 -12.44
C ALA A 67 11.20 15.29 -13.54
N ALA A 68 10.71 15.86 -14.66
CA ALA A 68 10.21 15.09 -15.81
C ALA A 68 10.55 15.68 -17.15
N ALA A 69 10.85 14.77 -18.11
CA ALA A 69 10.94 15.09 -19.51
C ALA A 69 9.58 14.76 -20.14
N ILE A 70 8.92 15.78 -20.67
CA ILE A 70 7.51 15.70 -21.07
C ILE A 70 7.40 15.87 -22.58
N SER A 71 6.81 14.88 -23.21
CA SER A 71 6.55 14.90 -24.64
CA SER A 71 6.56 14.90 -24.64
C SER A 71 5.10 15.18 -24.88
N VAL A 72 4.81 16.20 -25.69
CA VAL A 72 3.45 16.54 -26.06
C VAL A 72 3.25 16.10 -27.51
N GLY A 73 2.15 15.41 -27.80
CA GLY A 73 1.81 14.95 -29.14
C GLY A 73 0.37 15.24 -29.55
N THR A 74 0.09 14.92 -30.82
CA THR A 74 -1.23 15.16 -31.41
C THR A 74 -1.56 13.87 -32.18
N ASN A 75 -2.65 13.19 -31.81
CA ASN A 75 -3.13 11.94 -32.46
C ASN A 75 -3.11 12.03 -33.97
N GLN A 82 -6.69 12.59 -28.36
CA GLN A 82 -6.52 13.74 -29.27
C GLN A 82 -5.26 14.60 -29.09
N ARG A 83 -5.03 15.15 -27.90
CA ARG A 83 -3.68 15.53 -27.52
C ARG A 83 -3.16 14.52 -26.52
N SER A 84 -1.85 14.30 -26.52
CA SER A 84 -1.22 13.44 -25.55
C SER A 84 -0.12 14.16 -24.84
N VAL A 85 0.03 13.79 -23.57
CA VAL A 85 1.15 14.23 -22.77
C VAL A 85 1.79 12.94 -22.19
N GLU A 86 3.09 12.80 -22.37
CA GLU A 86 3.85 11.61 -22.02
C GLU A 86 5.08 12.05 -21.24
N SER A 87 5.09 11.72 -19.95
CA SER A 87 6.10 12.17 -19.02
C SER A 87 7.00 11.04 -18.52
N PHE A 88 8.29 11.15 -18.81
CA PHE A 88 9.30 10.29 -18.23
C PHE A 88 9.77 10.97 -16.94
N VAL A 89 9.52 10.33 -15.78
CA VAL A 89 9.97 10.87 -14.49
C VAL A 89 11.39 10.42 -14.26
N LEU A 90 12.31 11.39 -14.18
CA LEU A 90 13.75 11.10 -14.09
C LEU A 90 14.13 10.35 -12.82
N ASP A 91 14.95 9.32 -12.97
CA ASP A 91 15.57 8.59 -11.86
C ASP A 91 14.54 8.01 -10.86
N ARG A 92 13.32 7.67 -11.31
CA ARG A 92 12.29 7.09 -10.45
C ARG A 92 11.62 5.89 -11.12
N ASP A 93 10.83 5.20 -10.33
CA ASP A 93 10.12 4.01 -10.74
C ASP A 93 8.94 3.81 -9.79
N ALA A 94 7.74 4.01 -10.34
CA ALA A 94 6.53 3.82 -9.60
C ALA A 94 5.41 3.48 -10.54
N ASP A 95 4.40 2.82 -10.01
CA ASP A 95 3.21 2.50 -10.78
C ASP A 95 2.25 3.71 -10.68
N LEU A 96 2.21 4.48 -11.75
CA LEU A 96 1.39 5.68 -11.82
C LEU A 96 -0.02 5.51 -12.38
N TYR A 97 -0.33 4.33 -12.92
CA TYR A 97 -1.58 4.05 -13.60
C TYR A 97 -2.77 4.27 -12.68
N GLY A 98 -3.75 5.01 -13.15
CA GLY A 98 -4.88 5.39 -12.39
C GLY A 98 -4.69 6.58 -11.43
N HIS A 99 -3.47 7.06 -11.21
CA HIS A 99 -3.30 8.15 -10.25
C HIS A 99 -3.54 9.46 -10.98
N ASP A 100 -4.19 10.39 -10.28
CA ASP A 100 -4.38 11.74 -10.76
C ASP A 100 -3.09 12.56 -10.59
N VAL A 101 -2.54 13.06 -11.71
CA VAL A 101 -1.25 13.75 -11.64
C VAL A 101 -1.28 15.09 -12.32
N LYS A 102 -0.47 15.99 -11.80
CA LYS A 102 -0.27 17.32 -12.34
C LYS A 102 1.03 17.34 -13.11
N VAL A 103 1.03 17.92 -14.30
CA VAL A 103 2.22 18.04 -15.05
C VAL A 103 2.42 19.54 -15.27
N GLU A 104 3.50 20.07 -14.72
CA GLU A 104 3.84 21.49 -14.91
C GLU A 104 4.92 21.64 -15.97
N PHE A 105 4.71 22.54 -16.93
CA PHE A 105 5.67 22.85 -18.01
C PHE A 105 6.59 24.01 -17.65
N VAL A 106 7.88 23.75 -17.51
CA VAL A 106 8.84 24.79 -17.05
C VAL A 106 9.52 25.47 -18.24
N ASP A 107 10.06 24.67 -19.17
CA ASP A 107 10.83 25.21 -20.27
C ASP A 107 10.76 24.27 -21.46
N HIS A 108 11.02 24.80 -22.66
CA HIS A 108 11.04 24.05 -23.90
C HIS A 108 12.37 23.38 -24.15
N VAL A 109 12.34 22.06 -24.43
CA VAL A 109 13.57 21.35 -24.76
C VAL A 109 13.78 21.34 -26.25
N ARG A 110 12.79 20.86 -27.01
CA ARG A 110 12.93 20.88 -28.48
C ARG A 110 11.59 20.68 -29.16
N ALA A 111 11.52 21.09 -30.42
CA ALA A 111 10.34 20.82 -31.25
C ALA A 111 10.28 19.33 -31.58
N MET A 112 9.12 18.91 -32.08
CA MET A 112 8.90 17.52 -32.53
C MET A 112 9.92 17.26 -33.63
N GLU A 113 10.48 16.05 -33.66
CA GLU A 113 11.43 15.62 -34.66
C GLU A 113 11.07 14.21 -35.09
N LYS A 114 11.58 13.80 -36.23
CA LYS A 114 11.49 12.43 -36.68
C LYS A 114 12.86 11.77 -36.52
N PHE A 115 12.87 10.43 -36.42
CA PHE A 115 14.04 9.62 -36.06
C PHE A 115 14.25 8.53 -37.11
N ASP A 116 15.51 8.17 -37.37
CA ASP A 116 15.85 7.11 -38.33
C ASP A 116 15.55 5.71 -37.82
N SER A 117 15.79 5.50 -36.51
CA SER A 117 15.78 4.16 -35.93
C SER A 117 15.35 4.28 -34.49
N VAL A 118 15.07 3.13 -33.88
CA VAL A 118 14.85 3.04 -32.49
C VAL A 118 16.06 3.56 -31.74
N GLU A 119 17.25 3.13 -32.15
CA GLU A 119 18.49 3.58 -31.54
C GLU A 119 18.68 5.11 -31.57
N GLN A 120 18.38 5.75 -32.70
CA GLN A 120 18.48 7.21 -32.75
C GLN A 120 17.44 7.87 -31.81
N LEU A 121 16.26 7.27 -31.68
CA LEU A 121 15.20 7.82 -30.80
C LEU A 121 15.70 7.78 -29.35
N LEU A 122 16.26 6.66 -28.94
CA LEU A 122 16.82 6.54 -27.60
C LEU A 122 17.98 7.47 -27.33
N GLU A 123 18.78 7.78 -28.35
CA GLU A 123 19.89 8.73 -28.19
C GLU A 123 19.39 10.16 -27.93
N VAL A 124 18.36 10.54 -28.66
CA VAL A 124 17.75 11.85 -28.51
C VAL A 124 17.04 11.93 -27.14
N MET A 125 16.38 10.85 -26.72
CA MET A 125 15.68 10.84 -25.44
CA MET A 125 15.70 10.81 -25.42
C MET A 125 16.70 11.08 -24.30
N ALA A 126 17.85 10.41 -24.36
CA ALA A 126 18.92 10.63 -23.39
C ALA A 126 19.42 12.09 -23.41
N LYS A 127 19.59 12.70 -24.59
CA LYS A 127 19.88 14.14 -24.68
C LYS A 127 18.76 15.04 -24.10
N ASP A 128 17.50 14.74 -24.40
CA ASP A 128 16.37 15.47 -23.82
C ASP A 128 16.42 15.40 -22.26
N VAL A 129 16.74 14.23 -21.71
CA VAL A 129 16.84 14.07 -20.24
C VAL A 129 17.96 14.94 -19.67
N GLN A 130 19.13 14.89 -20.28
CA GLN A 130 20.25 15.72 -19.80
C GLN A 130 19.89 17.22 -19.86
N LYS A 131 19.28 17.67 -20.96
CA LYS A 131 18.82 19.07 -21.06
C LYS A 131 17.71 19.42 -20.07
N THR A 132 16.87 18.44 -19.75
CA THR A 132 15.85 18.61 -18.73
C THR A 132 16.51 18.88 -17.34
N ARG A 133 17.53 18.11 -16.99
CA ARG A 133 18.21 18.29 -15.68
C ARG A 133 18.78 19.70 -15.52
N THR A 134 19.39 20.21 -16.60
CA THR A 134 20.05 21.51 -16.55
C THR A 134 19.00 22.60 -16.48
N LEU A 135 17.95 22.50 -17.30
CA LEU A 135 16.90 23.54 -17.31
C LEU A 135 16.21 23.62 -15.97
N LEU A 136 15.85 22.46 -15.41
CA LEU A 136 15.22 22.43 -14.10
C LEU A 136 16.17 22.96 -13.01
N ALA A 137 17.46 22.58 -13.05
CA ALA A 137 18.40 23.11 -12.05
C ALA A 137 18.47 24.64 -12.11
N GLN A 138 18.49 25.19 -13.32
CA GLN A 138 18.48 26.64 -13.53
C GLN A 138 17.19 27.28 -13.03
N ASP A 139 16.07 26.57 -13.16
CA ASP A 139 14.82 27.06 -12.58
C ASP A 139 14.71 26.86 -11.06
N VAL A 140 15.31 25.80 -10.51
CA VAL A 140 15.41 25.66 -9.05
C VAL A 140 16.29 26.76 -8.42
N GLN A 141 17.41 27.10 -9.05
CA GLN A 141 18.40 28.04 -8.51
C GLN A 141 17.83 29.46 -8.37
N ALA A 142 17.23 29.96 -9.46
CA ALA A 142 16.33 31.13 -9.39
C ALA A 142 15.01 30.59 -8.85
N HIS A 143 14.06 31.46 -8.50
CA HIS A 143 12.73 30.97 -8.06
C HIS A 143 12.87 29.87 -6.97
N LYS A 144 13.57 30.21 -5.87
CA LYS A 144 13.92 29.21 -4.84
C LYS A 144 12.70 28.54 -4.18
N MET A 145 12.75 27.21 -4.06
CA MET A 145 11.68 26.41 -3.44
C MET A 145 12.22 25.51 -2.31
N ALA A 146 11.31 25.02 -1.47
CA ALA A 146 11.67 24.21 -0.30
C ALA A 146 12.17 22.82 -0.74
N PRO A 147 13.31 22.36 -0.18
CA PRO A 147 13.89 21.03 -0.47
C PRO A 147 12.89 19.87 -0.45
N GLU A 148 12.03 19.86 0.58
CA GLU A 148 11.06 18.80 0.80
C GLU A 148 10.01 18.65 -0.33
N THR A 149 9.70 19.74 -1.05
CA THR A 149 8.60 19.76 -2.02
C THR A 149 8.97 19.35 -3.47
N TYR A 150 10.27 19.17 -3.78
CA TYR A 150 10.69 18.77 -5.14
C TYR A 150 11.75 17.67 -5.10
N PHE A 151 11.93 16.99 -6.23
CA PHE A 151 12.95 15.95 -6.39
C PHE A 151 13.68 16.14 -7.74
N LEU A 152 15.01 16.32 -7.69
CA LEU A 152 15.81 16.48 -8.91
C LEU A 152 17.24 16.01 -8.68
N GLN A 153 17.69 15.01 -9.45
CA GLN A 153 19.11 14.58 -9.43
C GLN A 153 19.91 15.32 -10.52
N ALA A 154 21.14 15.73 -10.19
CA ALA A 154 22.03 16.41 -11.14
C ALA A 154 22.63 15.46 -12.21
N GLU A 155 22.78 14.19 -11.87
CA GLU A 155 23.44 13.20 -12.74
C GLU A 155 22.43 12.14 -13.16
N HIS B 4 -29.08 -1.81 -23.06
CA HIS B 4 -28.61 -1.51 -21.68
C HIS B 4 -27.84 -0.19 -21.59
N PHE B 5 -28.14 0.60 -20.56
CA PHE B 5 -27.34 1.79 -20.29
C PHE B 5 -25.84 1.43 -20.06
N TYR B 6 -24.94 2.27 -20.57
CA TYR B 6 -23.48 2.07 -20.27
C TYR B 6 -22.68 3.36 -20.17
N VAL B 7 -21.53 3.27 -19.50
CA VAL B 7 -20.56 4.32 -19.42
C VAL B 7 -19.20 3.77 -19.82
N THR B 8 -18.30 4.65 -20.20
CA THR B 8 -16.92 4.22 -20.41
C THR B 8 -15.97 5.19 -19.75
N GLY B 9 -14.81 4.71 -19.36
CA GLY B 9 -13.75 5.58 -18.91
C GLY B 9 -12.65 4.76 -18.26
N PRO B 10 -11.53 5.44 -17.96
CA PRO B 10 -10.40 4.75 -17.39
C PRO B 10 -10.64 4.29 -15.93
N VAL B 11 -10.15 3.10 -15.60
CA VAL B 11 -10.16 2.63 -14.23
C VAL B 11 -9.10 3.39 -13.45
N VAL B 12 -9.50 3.99 -12.35
CA VAL B 12 -8.63 4.85 -11.58
C VAL B 12 -8.55 4.45 -10.10
N ARG B 13 -7.66 5.12 -9.38
CA ARG B 13 -7.33 4.76 -8.05
C ARG B 13 -8.40 5.31 -7.10
N GLY B 14 -8.63 4.55 -6.03
CA GLY B 14 -9.46 4.99 -4.90
C GLY B 14 -8.62 4.87 -3.64
N ALA B 15 -9.26 4.70 -2.49
CA ALA B 15 -8.54 4.68 -1.21
C ALA B 15 -7.85 3.34 -0.97
N GLY B 16 -8.27 2.31 -1.70
CA GLY B 16 -7.70 0.98 -1.59
C GLY B 16 -8.70 0.09 -0.88
N LEU B 22 -12.81 -3.84 4.27
CA LEU B 22 -13.54 -5.08 4.10
C LEU B 22 -14.55 -4.92 2.96
N GLY B 23 -14.39 -5.71 1.91
CA GLY B 23 -15.15 -5.53 0.67
C GLY B 23 -14.48 -6.17 -0.52
N PHE B 24 -15.15 -6.16 -1.66
CA PHE B 24 -14.57 -6.75 -2.86
C PHE B 24 -13.50 -5.78 -3.44
N PRO B 25 -12.51 -6.31 -4.18
CA PRO B 25 -11.80 -5.38 -5.07
C PRO B 25 -12.78 -4.79 -6.12
N THR B 26 -12.77 -3.48 -6.31
CA THR B 26 -13.66 -2.87 -7.29
C THR B 26 -12.90 -1.89 -8.15
N ALA B 27 -13.03 -2.02 -9.46
CA ALA B 27 -12.49 -1.10 -10.44
C ALA B 27 -13.30 0.20 -10.39
N ASN B 28 -12.64 1.31 -10.06
CA ASN B 28 -13.32 2.60 -9.89
C ASN B 28 -13.24 3.42 -11.16
N GLN B 29 -14.36 4.04 -11.52
CA GLN B 29 -14.42 5.06 -12.53
C GLN B 29 -15.14 6.28 -11.91
N TYR B 30 -14.67 7.48 -12.20
CA TYR B 30 -15.30 8.71 -11.71
C TYR B 30 -15.80 9.55 -12.91
N PHE B 31 -16.90 10.28 -12.75
CA PHE B 31 -17.55 10.96 -13.84
C PHE B 31 -17.88 12.34 -13.39
N HIS B 32 -17.80 13.29 -14.31
CA HIS B 32 -18.19 14.66 -14.01
C HIS B 32 -19.70 14.66 -13.77
N ASP B 33 -20.16 15.65 -13.01
CA ASP B 33 -21.59 15.74 -12.62
C ASP B 33 -22.57 15.93 -13.82
N THR B 34 -22.02 16.16 -15.00
CA THR B 34 -22.76 16.27 -16.24
C THR B 34 -23.13 14.93 -16.88
N VAL B 35 -22.51 13.83 -16.45
CA VAL B 35 -22.85 12.50 -16.95
C VAL B 35 -24.03 11.93 -16.18
N ALA B 36 -24.99 11.37 -16.91
CA ALA B 36 -26.18 10.75 -16.31
C ALA B 36 -25.80 9.36 -15.87
N LEU B 37 -26.11 9.02 -14.63
CA LEU B 37 -25.87 7.69 -14.14
C LEU B 37 -27.09 7.23 -13.39
N PRO B 38 -27.20 5.90 -13.17
CA PRO B 38 -28.30 5.42 -12.34
C PRO B 38 -28.21 5.91 -10.94
N ALA B 39 -29.31 5.75 -10.22
CA ALA B 39 -29.35 6.06 -8.80
C ALA B 39 -28.23 5.32 -8.08
N ASP B 40 -27.71 5.94 -7.02
CA ASP B 40 -26.78 5.24 -6.17
C ASP B 40 -27.37 3.87 -5.78
N GLY B 41 -26.56 2.82 -5.79
CA GLY B 41 -26.99 1.49 -5.32
C GLY B 41 -26.17 0.41 -6.00
N VAL B 42 -26.66 -0.83 -5.98
CA VAL B 42 -25.94 -1.99 -6.49
C VAL B 42 -26.69 -2.55 -7.68
N TYR B 43 -25.96 -2.78 -8.77
CA TYR B 43 -26.50 -3.27 -10.04
C TYR B 43 -25.72 -4.49 -10.51
N ALA B 44 -26.38 -5.30 -11.31
CA ALA B 44 -25.71 -6.36 -12.03
C ALA B 44 -25.38 -5.83 -13.43
N GLY B 45 -24.21 -6.22 -13.94
CA GLY B 45 -23.83 -5.80 -15.27
C GLY B 45 -22.62 -6.50 -15.86
N TRP B 46 -22.10 -5.88 -16.91
CA TRP B 46 -20.97 -6.40 -17.63
C TRP B 46 -19.88 -5.36 -17.65
N LEU B 47 -18.64 -5.78 -17.44
CA LEU B 47 -17.49 -4.89 -17.63
C LEU B 47 -16.66 -5.41 -18.79
N THR B 48 -16.36 -4.56 -19.79
CA THR B 48 -15.56 -4.98 -20.93
C THR B 48 -14.37 -4.07 -21.05
N ILE B 49 -13.16 -4.64 -21.14
CA ILE B 49 -12.01 -3.85 -21.46
C ILE B 49 -12.14 -3.53 -22.93
N LEU B 50 -12.15 -2.24 -23.26
CA LEU B 50 -12.39 -1.78 -24.61
C LEU B 50 -11.23 -2.18 -25.53
N PRO B 51 -11.48 -2.24 -26.85
CA PRO B 51 -10.46 -2.77 -27.76
C PRO B 51 -9.14 -2.04 -27.58
N THR B 52 -8.06 -2.80 -27.44
CA THR B 52 -6.76 -2.23 -27.18
C THR B 52 -5.68 -3.24 -27.45
N GLU B 53 -4.50 -2.72 -27.77
CA GLU B 53 -3.30 -3.52 -27.89
C GLU B 53 -2.45 -3.48 -26.60
N ALA B 54 -2.86 -2.70 -25.62
CA ALA B 54 -2.17 -2.61 -24.34
C ALA B 54 -2.28 -3.95 -23.65
N PRO B 55 -1.14 -4.56 -23.24
CA PRO B 55 -1.19 -5.74 -22.38
C PRO B 55 -2.06 -5.55 -21.12
N VAL B 56 -2.83 -6.58 -20.77
CA VAL B 56 -3.61 -6.60 -19.55
C VAL B 56 -2.98 -7.70 -18.72
N SER B 57 -2.55 -7.36 -17.49
CA SER B 57 -1.92 -8.36 -16.62
C SER B 57 -3.01 -9.10 -15.78
N GLY B 58 -3.00 -10.43 -15.85
CA GLY B 58 -4.01 -11.30 -15.20
C GLY B 58 -4.90 -12.04 -16.21
N ASN B 59 -6.06 -12.53 -15.76
CA ASN B 59 -6.90 -13.42 -16.60
C ASN B 59 -8.13 -12.79 -17.27
N MET B 60 -8.04 -11.50 -17.59
CA MET B 60 -9.03 -10.78 -18.39
C MET B 60 -8.37 -10.30 -19.65
N GLU B 61 -9.14 -10.26 -20.74
CA GLU B 61 -8.63 -9.77 -21.99
C GLU B 61 -9.64 -8.81 -22.60
N PRO B 62 -9.17 -7.96 -23.53
CA PRO B 62 -10.08 -7.02 -24.18
C PRO B 62 -11.24 -7.69 -24.92
N GLU B 63 -12.32 -6.93 -25.07
CA GLU B 63 -13.47 -7.26 -25.93
C GLU B 63 -14.31 -8.41 -25.37
N VAL B 64 -14.08 -8.83 -24.12
CA VAL B 64 -14.89 -9.85 -23.49
C VAL B 64 -15.71 -9.18 -22.39
N ALA B 65 -17.03 -9.39 -22.40
CA ALA B 65 -17.90 -8.85 -21.37
C ALA B 65 -17.84 -9.75 -20.14
N TYR B 66 -17.31 -9.24 -19.03
CA TYR B 66 -17.17 -10.02 -17.78
C TYR B 66 -18.28 -9.69 -16.79
N ALA B 67 -18.92 -10.73 -16.23
CA ALA B 67 -19.97 -10.51 -15.23
C ALA B 67 -19.39 -9.65 -14.09
N ALA B 68 -20.16 -8.65 -13.65
CA ALA B 68 -19.71 -7.73 -12.58
C ALA B 68 -20.85 -7.27 -11.68
N ALA B 69 -20.55 -7.13 -10.38
CA ALA B 69 -21.45 -6.52 -9.44
C ALA B 69 -20.98 -5.09 -9.34
N ILE B 70 -21.91 -4.15 -9.54
CA ILE B 70 -21.53 -2.78 -9.73
C ILE B 70 -22.17 -1.89 -8.69
N SER B 71 -21.36 -1.07 -8.04
CA SER B 71 -21.83 -0.07 -7.14
C SER B 71 -21.71 1.37 -7.69
N VAL B 72 -22.84 2.09 -7.71
CA VAL B 72 -22.90 3.50 -8.10
C VAL B 72 -23.01 4.38 -6.85
N GLY B 73 -22.16 5.39 -6.74
CA GLY B 73 -22.13 6.29 -5.56
C GLY B 73 -22.01 7.76 -5.91
N THR B 74 -22.37 8.63 -4.96
CA THR B 74 -22.31 10.10 -5.12
C THR B 74 -21.59 10.63 -3.90
N GLN B 82 -17.59 13.91 -9.34
CA GLN B 82 -18.67 13.92 -8.35
C GLN B 82 -19.30 12.52 -8.14
N ARG B 83 -19.35 11.67 -9.17
CA ARG B 83 -19.97 10.35 -9.01
C ARG B 83 -19.03 9.22 -9.38
N SER B 84 -19.28 8.02 -8.86
CA SER B 84 -18.37 6.88 -9.03
C SER B 84 -19.11 5.63 -9.39
N VAL B 85 -18.45 4.81 -10.19
CA VAL B 85 -18.93 3.51 -10.52
C VAL B 85 -17.82 2.55 -10.08
N GLU B 86 -18.18 1.59 -9.23
CA GLU B 86 -17.19 0.64 -8.68
C GLU B 86 -17.59 -0.78 -9.03
N SER B 87 -16.81 -1.46 -9.87
CA SER B 87 -17.21 -2.78 -10.37
C SER B 87 -16.32 -3.92 -9.87
N PHE B 88 -16.97 -4.91 -9.26
CA PHE B 88 -16.32 -6.14 -8.86
C PHE B 88 -16.50 -7.16 -9.97
N VAL B 89 -15.44 -7.57 -10.61
CA VAL B 89 -15.50 -8.52 -11.73
C VAL B 89 -15.49 -9.93 -11.14
N LEU B 90 -16.59 -10.66 -11.28
CA LEU B 90 -16.77 -11.99 -10.67
C LEU B 90 -15.73 -12.98 -11.16
N ASP B 91 -15.12 -13.71 -10.22
CA ASP B 91 -14.23 -14.86 -10.52
C ASP B 91 -13.00 -14.53 -11.36
N ARG B 92 -12.51 -13.28 -11.28
CA ARG B 92 -11.39 -12.83 -12.05
C ARG B 92 -10.39 -12.05 -11.20
N ASP B 93 -9.20 -11.90 -11.75
CA ASP B 93 -8.12 -11.16 -11.10
C ASP B 93 -7.24 -10.55 -12.18
N ALA B 94 -7.31 -9.23 -12.34
CA ALA B 94 -6.45 -8.54 -13.26
C ALA B 94 -6.13 -7.11 -12.83
N ASP B 95 -5.05 -6.59 -13.38
CA ASP B 95 -4.67 -5.20 -13.17
C ASP B 95 -5.36 -4.29 -14.18
N LEU B 96 -6.42 -3.62 -13.74
CA LEU B 96 -7.22 -2.79 -14.61
C LEU B 96 -6.87 -1.32 -14.58
N TYR B 97 -6.02 -0.90 -13.64
CA TYR B 97 -5.67 0.50 -13.49
C TYR B 97 -5.18 1.12 -14.81
N GLY B 98 -5.79 2.24 -15.18
CA GLY B 98 -5.50 2.97 -16.40
C GLY B 98 -6.12 2.43 -17.68
N HIS B 99 -6.73 1.25 -17.63
CA HIS B 99 -7.33 0.66 -18.82
C HIS B 99 -8.70 1.30 -19.03
N ASP B 100 -9.04 1.57 -20.29
CA ASP B 100 -10.35 2.13 -20.64
C ASP B 100 -11.38 1.00 -20.64
N VAL B 101 -12.44 1.12 -19.84
CA VAL B 101 -13.44 0.04 -19.76
C VAL B 101 -14.84 0.56 -19.92
N LYS B 102 -15.72 -0.31 -20.41
CA LYS B 102 -17.12 -0.05 -20.55
C LYS B 102 -17.86 -0.83 -19.51
N VAL B 103 -18.80 -0.18 -18.82
CA VAL B 103 -19.66 -0.83 -17.83
C VAL B 103 -21.10 -0.71 -18.27
N GLU B 104 -21.76 -1.85 -18.47
CA GLU B 104 -23.14 -1.94 -18.90
C GLU B 104 -23.96 -2.36 -17.71
N PHE B 105 -25.04 -1.64 -17.46
CA PHE B 105 -25.92 -1.85 -16.33
C PHE B 105 -27.07 -2.68 -16.87
N VAL B 106 -27.21 -3.88 -16.34
CA VAL B 106 -28.27 -4.79 -16.76
C VAL B 106 -29.54 -4.67 -15.90
N ASP B 107 -29.38 -4.70 -14.57
CA ASP B 107 -30.53 -4.66 -13.64
C ASP B 107 -30.11 -4.22 -12.26
N HIS B 108 -31.10 -3.72 -11.52
CA HIS B 108 -30.93 -3.23 -10.14
C HIS B 108 -30.90 -4.42 -9.20
N VAL B 109 -29.91 -4.47 -8.30
CA VAL B 109 -29.85 -5.45 -7.22
C VAL B 109 -30.48 -4.91 -5.93
N ARG B 110 -30.00 -3.76 -5.42
CA ARG B 110 -30.57 -3.13 -4.23
C ARG B 110 -30.11 -1.70 -4.06
N ALA B 111 -30.77 -1.01 -3.14
CA ALA B 111 -30.36 0.32 -2.70
C ALA B 111 -29.10 0.24 -1.88
N MET B 112 -28.38 1.36 -1.82
CA MET B 112 -27.32 1.60 -0.85
C MET B 112 -27.80 1.25 0.57
N GLU B 113 -26.88 0.80 1.43
CA GLU B 113 -27.25 0.23 2.73
C GLU B 113 -26.10 0.32 3.73
N LYS B 114 -26.40 0.55 5.00
CA LYS B 114 -25.46 0.39 6.11
C LYS B 114 -25.90 -0.84 6.92
N PHE B 115 -24.98 -1.44 7.69
CA PHE B 115 -25.18 -2.80 8.23
C PHE B 115 -25.11 -2.91 9.76
N SER B 117 -22.98 -4.91 11.69
CA SER B 117 -22.62 -6.30 11.84
C SER B 117 -21.81 -6.78 10.63
N VAL B 118 -20.60 -7.29 10.87
CA VAL B 118 -19.78 -7.80 9.77
C VAL B 118 -20.46 -9.02 9.12
N GLU B 119 -21.14 -9.84 9.92
CA GLU B 119 -21.87 -11.01 9.39
C GLU B 119 -23.03 -10.63 8.46
N GLN B 120 -23.67 -9.51 8.75
CA GLN B 120 -24.71 -8.99 7.87
C GLN B 120 -24.07 -8.54 6.56
N LEU B 121 -23.02 -7.73 6.67
CA LEU B 121 -22.26 -7.30 5.51
C LEU B 121 -21.80 -8.48 4.63
N LEU B 122 -21.25 -9.51 5.26
CA LEU B 122 -20.74 -10.70 4.56
C LEU B 122 -21.83 -11.41 3.81
N GLU B 123 -22.95 -11.62 4.48
CA GLU B 123 -24.11 -12.26 3.87
C GLU B 123 -24.70 -11.42 2.71
N VAL B 124 -24.74 -10.10 2.86
CA VAL B 124 -25.27 -9.23 1.80
C VAL B 124 -24.32 -9.18 0.61
N MET B 125 -23.02 -9.14 0.88
CA MET B 125 -22.02 -9.29 -0.19
C MET B 125 -22.25 -10.57 -1.00
N ALA B 126 -22.47 -11.70 -0.31
CA ALA B 126 -22.66 -12.99 -0.99
C ALA B 126 -23.98 -13.05 -1.76
N LYS B 127 -25.03 -12.47 -1.18
CA LYS B 127 -26.30 -12.30 -1.87
C LYS B 127 -26.22 -11.38 -3.08
N ASP B 128 -25.48 -10.25 -2.97
CA ASP B 128 -25.18 -9.39 -4.14
C ASP B 128 -24.63 -10.22 -5.32
N VAL B 129 -23.64 -11.06 -5.04
CA VAL B 129 -23.01 -11.94 -6.05
C VAL B 129 -24.02 -12.95 -6.62
N GLN B 130 -24.75 -13.66 -5.74
CA GLN B 130 -25.76 -14.63 -6.18
C GLN B 130 -26.77 -13.98 -7.09
N LYS B 131 -27.30 -12.85 -6.67
CA LYS B 131 -28.34 -12.17 -7.43
C LYS B 131 -27.81 -11.70 -8.80
N THR B 132 -26.57 -11.20 -8.79
CA THR B 132 -25.86 -10.84 -10.01
C THR B 132 -25.73 -12.00 -10.99
N ARG B 133 -25.30 -13.16 -10.54
CA ARG B 133 -25.17 -14.32 -11.42
C ARG B 133 -26.51 -14.67 -12.10
N THR B 134 -27.57 -14.75 -11.32
CA THR B 134 -28.87 -15.15 -11.83
C THR B 134 -29.46 -14.11 -12.76
N LEU B 135 -29.31 -12.83 -12.42
CA LEU B 135 -29.82 -11.76 -13.29
C LEU B 135 -29.07 -11.75 -14.63
N LEU B 136 -27.74 -11.92 -14.58
CA LEU B 136 -26.94 -11.98 -15.79
C LEU B 136 -27.21 -13.26 -16.59
N ALA B 137 -27.56 -14.36 -15.93
CA ALA B 137 -27.99 -15.59 -16.63
C ALA B 137 -29.32 -15.37 -17.40
N GLN B 138 -30.23 -14.60 -16.83
CA GLN B 138 -31.48 -14.23 -17.50
C GLN B 138 -31.21 -13.34 -18.72
N ASP B 139 -30.25 -12.43 -18.60
CA ASP B 139 -29.88 -11.51 -19.68
C ASP B 139 -29.22 -12.23 -20.86
N VAL B 140 -28.38 -13.22 -20.57
CA VAL B 140 -27.71 -14.02 -21.59
C VAL B 140 -28.75 -14.84 -22.36
N GLN B 141 -29.61 -15.57 -21.62
CA GLN B 141 -30.72 -16.35 -22.21
C GLN B 141 -31.79 -15.53 -22.95
N ALA B 142 -31.77 -14.21 -22.85
CA ALA B 142 -32.58 -13.34 -23.69
C ALA B 142 -31.68 -12.32 -24.39
N GLU B 148 -18.06 -16.88 -27.27
CA GLU B 148 -16.98 -16.43 -26.41
C GLU B 148 -16.83 -14.88 -26.25
N THR B 149 -17.90 -14.13 -26.52
CA THR B 149 -17.89 -12.69 -26.31
C THR B 149 -18.15 -12.30 -24.85
N TYR B 150 -18.45 -13.28 -23.99
CA TYR B 150 -18.72 -13.00 -22.58
C TYR B 150 -18.18 -14.07 -21.63
N PHE B 151 -18.06 -13.72 -20.35
CA PHE B 151 -17.60 -14.63 -19.30
C PHE B 151 -18.58 -14.50 -18.13
N LEU B 152 -19.22 -15.61 -17.80
CA LEU B 152 -20.13 -15.72 -16.68
C LEU B 152 -20.05 -17.15 -16.16
N GLN B 153 -19.45 -17.36 -14.99
CA GLN B 153 -19.46 -18.64 -14.29
C GLN B 153 -20.72 -18.79 -13.44
N ALA B 154 -21.25 -20.01 -13.39
CA ALA B 154 -22.40 -20.34 -12.55
C ALA B 154 -21.93 -20.79 -11.17
N HIS C 4 31.09 -7.32 9.01
CA HIS C 4 29.96 -6.49 9.56
C HIS C 4 28.90 -7.34 10.25
N PHE C 5 28.46 -6.89 11.41
CA PHE C 5 27.25 -7.46 11.98
C PHE C 5 25.98 -7.10 11.16
N TYR C 6 24.99 -7.99 11.18
CA TYR C 6 23.63 -7.63 10.75
C TYR C 6 22.56 -8.54 11.36
N VAL C 7 21.37 -7.99 11.57
CA VAL C 7 20.24 -8.72 12.15
C VAL C 7 19.01 -8.42 11.34
N THR C 8 18.02 -9.28 11.45
CA THR C 8 16.71 -9.01 10.87
C THR C 8 15.64 -9.36 11.86
N GLY C 9 14.52 -8.63 11.75
CA GLY C 9 13.37 -8.93 12.56
C GLY C 9 12.35 -7.80 12.50
N PRO C 10 11.16 -8.04 13.08
CA PRO C 10 10.08 -7.06 12.98
C PRO C 10 10.32 -5.84 13.83
N VAL C 11 9.99 -4.68 13.32
CA VAL C 11 9.97 -3.44 14.08
C VAL C 11 8.71 -3.51 14.93
N VAL C 12 8.87 -3.29 16.23
CA VAL C 12 7.77 -3.38 17.20
C VAL C 12 7.67 -2.09 18.05
N ARG C 13 6.69 -2.07 18.92
CA ARG C 13 6.36 -0.91 19.76
C ARG C 13 7.28 -0.87 20.95
N GLY C 14 7.82 0.31 21.22
CA GLY C 14 8.62 0.50 22.44
C GLY C 14 7.65 1.20 23.36
N ALA C 15 8.13 1.80 24.41
CA ALA C 15 7.21 2.52 25.31
C ALA C 15 6.49 3.72 24.59
N GLY C 16 6.93 4.09 23.36
CA GLY C 16 6.25 5.17 22.61
C GLY C 16 6.33 6.54 23.28
N ARG C 17 7.47 6.81 23.93
CA ARG C 17 7.87 8.11 24.50
C ARG C 17 9.38 8.02 24.95
N GLY C 18 10.30 8.92 24.59
CA GLY C 18 10.15 9.99 23.66
C GLY C 18 11.15 9.78 22.53
N GLY C 19 10.65 9.20 21.44
CA GLY C 19 11.36 9.21 20.17
C GLY C 19 10.79 10.29 19.26
N LYS C 20 9.64 9.99 18.64
CA LYS C 20 8.96 10.86 17.68
C LYS C 20 8.66 12.27 18.24
N GLU C 21 8.04 12.35 19.42
CA GLU C 21 7.68 13.64 20.00
C GLU C 21 8.90 14.50 20.41
N LEU C 22 10.10 13.94 20.39
CA LEU C 22 11.35 14.71 20.44
C LEU C 22 12.10 14.84 19.09
N GLY C 23 11.49 14.48 17.97
CA GLY C 23 12.12 14.51 16.66
C GLY C 23 13.13 13.41 16.35
N PHE C 24 13.20 12.37 17.17
CA PHE C 24 14.13 11.27 16.94
C PHE C 24 13.38 9.96 17.05
N PRO C 25 12.52 9.69 16.06
CA PRO C 25 11.83 8.40 16.09
C PRO C 25 12.84 7.27 15.86
N THR C 26 12.68 6.17 16.60
CA THR C 26 13.57 4.99 16.42
C THR C 26 12.74 3.72 16.26
N ALA C 27 13.05 2.92 15.25
CA ALA C 27 12.44 1.63 14.99
C ALA C 27 13.05 0.63 15.96
N ASN C 28 12.24 0.09 16.85
CA ASN C 28 12.72 -0.77 17.92
C ASN C 28 12.60 -2.21 17.41
N GLN C 29 13.67 -2.97 17.67
CA GLN C 29 13.69 -4.42 17.52
C GLN C 29 14.29 -5.04 18.79
N TYR C 30 13.86 -6.24 19.14
CA TYR C 30 14.38 -6.96 20.28
C TYR C 30 14.86 -8.36 19.91
N PHE C 31 15.93 -8.81 20.57
CA PHE C 31 16.61 -10.07 20.25
C PHE C 31 17.09 -10.79 21.51
N HIS C 32 17.18 -12.11 21.39
CA HIS C 32 17.84 -12.91 22.40
C HIS C 32 19.34 -12.56 22.42
N ASP C 33 20.01 -12.84 23.53
CA ASP C 33 21.44 -12.52 23.67
C ASP C 33 22.36 -13.55 22.99
N THR C 34 21.77 -14.50 22.24
CA THR C 34 22.52 -15.43 21.39
C THR C 34 22.79 -14.80 20.02
N VAL C 35 22.10 -13.71 19.71
CA VAL C 35 22.13 -13.15 18.36
C VAL C 35 23.49 -12.46 18.16
N ALA C 36 23.93 -12.45 16.89
CA ALA C 36 25.16 -11.82 16.48
C ALA C 36 24.96 -10.31 16.31
N LEU C 37 25.01 -9.63 17.46
CA LEU C 37 25.00 -8.17 17.55
C LEU C 37 26.36 -7.68 18.05
N PRO C 38 26.71 -6.43 17.77
CA PRO C 38 27.86 -5.83 18.40
C PRO C 38 27.57 -5.44 19.86
N ALA C 39 28.60 -5.01 20.60
CA ALA C 39 28.40 -4.47 21.96
C ALA C 39 27.43 -3.27 22.01
N ASP C 40 26.93 -2.96 23.20
CA ASP C 40 26.04 -1.83 23.38
C ASP C 40 26.73 -0.57 22.92
N GLY C 41 25.96 0.36 22.38
CA GLY C 41 26.51 1.61 21.83
C GLY C 41 25.81 2.06 20.56
N VAL C 42 26.45 3.01 19.86
CA VAL C 42 25.91 3.63 18.67
C VAL C 42 26.77 3.35 17.43
N TYR C 43 26.07 2.98 16.36
CA TYR C 43 26.67 2.51 15.13
C TYR C 43 26.12 3.30 13.98
N ALA C 44 26.94 3.51 12.96
CA ALA C 44 26.46 3.95 11.66
C ALA C 44 26.12 2.70 10.84
N GLY C 45 24.96 2.69 10.20
CA GLY C 45 24.55 1.51 9.47
C GLY C 45 23.49 1.73 8.43
N TRP C 46 23.01 0.63 7.88
CA TRP C 46 21.97 0.64 6.86
C TRP C 46 20.78 -0.15 7.36
N LEU C 47 19.59 0.44 7.26
CA LEU C 47 18.33 -0.27 7.47
C LEU C 47 17.65 -0.52 6.14
N THR C 48 17.22 -1.77 5.93
CA THR C 48 16.53 -2.17 4.71
C THR C 48 15.28 -2.93 5.09
N ILE C 49 14.15 -2.52 4.54
CA ILE C 49 12.92 -3.28 4.61
C ILE C 49 13.09 -4.44 3.62
N LEU C 50 12.92 -5.66 4.11
CA LEU C 50 13.18 -6.87 3.33
C LEU C 50 12.11 -7.04 2.28
N PRO C 51 12.38 -7.83 1.19
CA PRO C 51 11.43 -8.03 0.10
C PRO C 51 10.06 -8.40 0.63
N THR C 52 9.01 -7.76 0.13
CA THR C 52 7.70 -7.99 0.71
C THR C 52 6.64 -7.48 -0.24
N GLU C 53 5.49 -8.15 -0.23
CA GLU C 53 4.29 -7.68 -0.88
C GLU C 53 3.51 -6.67 -0.02
N ALA C 54 3.85 -6.56 1.27
CA ALA C 54 3.18 -5.63 2.18
C ALA C 54 3.40 -4.17 1.76
N PRO C 55 2.33 -3.36 1.72
CA PRO C 55 2.51 -1.94 1.51
C PRO C 55 3.38 -1.25 2.59
N VAL C 56 4.17 -0.26 2.18
CA VAL C 56 4.90 0.58 3.14
C VAL C 56 4.38 2.01 2.98
N SER C 57 3.82 2.51 4.08
CA SER C 57 3.26 3.85 4.13
C SER C 57 4.38 4.83 4.54
N GLY C 58 4.62 5.83 3.71
CA GLY C 58 5.67 6.87 3.98
C GLY C 58 6.68 6.81 2.86
N ASN C 59 7.88 7.32 3.05
CA ASN C 59 8.83 7.50 1.92
C ASN C 59 10.05 6.56 1.93
N MET C 60 9.83 5.34 2.40
CA MET C 60 10.81 4.25 2.31
C MET C 60 10.20 3.13 1.45
N GLU C 61 11.04 2.48 0.63
CA GLU C 61 10.65 1.33 -0.21
C GLU C 61 11.42 0.08 0.21
N PRO C 62 10.79 -1.11 0.09
CA PRO C 62 11.52 -2.38 0.28
C PRO C 62 12.80 -2.47 -0.55
N GLU C 63 13.84 -3.10 0.00
CA GLU C 63 15.05 -3.47 -0.76
C GLU C 63 15.95 -2.28 -1.08
N VAL C 64 15.82 -1.21 -0.32
CA VAL C 64 16.69 -0.05 -0.43
C VAL C 64 17.39 0.09 0.96
N ALA C 65 18.72 0.26 0.94
CA ALA C 65 19.49 0.44 2.19
C ALA C 65 19.45 1.91 2.60
N TYR C 66 18.85 2.22 3.75
CA TYR C 66 18.70 3.59 4.19
C TYR C 66 19.68 3.85 5.30
N ALA C 67 20.42 4.95 5.22
CA ALA C 67 21.38 5.28 6.25
C ALA C 67 20.66 5.43 7.59
N ALA C 68 21.28 4.89 8.66
CA ALA C 68 20.71 4.90 9.99
C ALA C 68 21.75 5.04 11.09
N ALA C 69 21.33 5.76 12.14
CA ALA C 69 22.08 5.86 13.39
C ALA C 69 21.41 4.90 14.33
N ILE C 70 22.16 3.86 14.74
CA ILE C 70 21.58 2.72 15.41
C ILE C 70 22.14 2.65 16.82
N SER C 71 21.25 2.48 17.79
CA SER C 71 21.65 2.28 19.17
C SER C 71 21.35 0.84 19.60
N VAL C 72 22.34 0.17 20.17
CA VAL C 72 22.19 -1.20 20.65
C VAL C 72 22.29 -1.18 22.16
N GLY C 73 21.34 -1.83 22.83
CA GLY C 73 21.30 -1.91 24.31
C GLY C 73 21.10 -3.33 24.81
N THR C 74 21.10 -3.47 26.12
CA THR C 74 20.96 -4.74 26.79
C THR C 74 20.00 -4.56 27.98
N ASN C 75 19.00 -5.44 28.08
CA ASN C 75 18.11 -5.61 29.25
C ASN C 75 18.65 -6.69 30.16
N GLN C 82 16.30 -9.36 25.63
CA GLN C 82 17.60 -9.22 26.30
C GLN C 82 18.44 -8.20 25.56
N ARG C 83 18.42 -8.16 24.24
CA ARG C 83 19.08 -7.07 23.50
C ARG C 83 18.08 -6.19 22.75
N SER C 84 18.37 -4.89 22.67
CA SER C 84 17.53 -3.94 21.94
C SER C 84 18.32 -3.34 20.81
N VAL C 85 17.65 -3.06 19.67
CA VAL C 85 18.22 -2.30 18.60
C VAL C 85 17.23 -1.17 18.28
N GLU C 86 17.73 0.05 18.25
CA GLU C 86 16.88 1.21 18.01
C GLU C 86 17.52 2.04 16.90
N SER C 87 16.83 2.12 15.76
CA SER C 87 17.40 2.72 14.59
C SER C 87 16.67 3.99 14.17
N PHE C 88 17.41 5.08 14.03
CA PHE C 88 16.88 6.33 13.51
C PHE C 88 17.27 6.35 12.04
N VAL C 89 16.27 6.33 11.15
CA VAL C 89 16.54 6.34 9.74
C VAL C 89 16.71 7.79 9.32
N LEU C 90 17.87 8.13 8.75
CA LEU C 90 18.15 9.53 8.48
C LEU C 90 17.22 10.06 7.37
N ASP C 91 16.62 11.22 7.62
CA ASP C 91 15.98 12.03 6.59
C ASP C 91 14.79 11.32 5.95
N ARG C 92 14.16 10.42 6.70
CA ARG C 92 13.01 9.66 6.19
C ARG C 92 11.85 9.66 7.18
N ASP C 93 10.70 9.21 6.69
CA ASP C 93 9.51 9.09 7.52
C ASP C 93 8.59 8.04 6.93
N ALA C 94 8.48 6.92 7.64
CA ALA C 94 7.59 5.83 7.25
C ALA C 94 7.13 5.06 8.47
N ASP C 95 6.00 4.38 8.28
CA ASP C 95 5.44 3.51 9.29
C ASP C 95 6.08 2.13 9.14
N LEU C 96 7.00 1.81 10.04
CA LEU C 96 7.77 0.57 9.98
C LEU C 96 7.20 -0.56 10.84
N TYR C 97 6.17 -0.25 11.64
CA TYR C 97 5.69 -1.19 12.67
C TYR C 97 5.22 -2.47 11.98
N GLY C 98 5.71 -3.60 12.47
CA GLY C 98 5.32 -4.91 11.93
C GLY C 98 6.09 -5.34 10.70
N HIS C 99 6.90 -4.44 10.13
CA HIS C 99 7.63 -4.79 8.92
C HIS C 99 8.91 -5.50 9.32
N ASP C 100 9.27 -6.51 8.54
CA ASP C 100 10.51 -7.25 8.73
C ASP C 100 11.66 -6.43 8.14
N VAL C 101 12.62 -6.02 8.98
CA VAL C 101 13.74 -5.17 8.49
C VAL C 101 15.10 -5.73 8.85
N LYS C 102 16.09 -5.37 8.03
CA LYS C 102 17.48 -5.80 8.19
C LYS C 102 18.26 -4.60 8.63
N VAL C 103 19.14 -4.77 9.61
CA VAL C 103 19.96 -3.69 10.07
C VAL C 103 21.37 -4.18 9.93
N GLU C 104 22.17 -3.43 9.17
CA GLU C 104 23.58 -3.75 8.94
C GLU C 104 24.39 -2.76 9.69
N PHE C 105 25.35 -3.24 10.47
CA PHE C 105 26.21 -2.38 11.28
C PHE C 105 27.53 -2.10 10.55
N VAL C 106 27.71 -0.87 10.09
CA VAL C 106 28.84 -0.52 9.21
C VAL C 106 30.05 -0.07 10.00
N ASP C 107 29.85 0.80 10.99
CA ASP C 107 30.92 1.43 11.77
C ASP C 107 30.50 1.89 13.15
N HIS C 108 31.38 1.71 14.14
CA HIS C 108 31.13 2.11 15.52
C HIS C 108 31.20 3.64 15.60
N VAL C 109 30.18 4.27 16.20
CA VAL C 109 30.16 5.74 16.39
C VAL C 109 30.67 6.09 17.79
N ARG C 110 30.08 5.47 18.80
CA ARG C 110 30.54 5.68 20.18
C ARG C 110 30.07 4.59 21.10
N ALA C 111 30.74 4.47 22.24
CA ALA C 111 30.29 3.65 23.34
C ALA C 111 28.93 4.11 23.90
N MET C 112 28.27 3.25 24.67
CA MET C 112 27.15 3.66 25.49
C MET C 112 27.59 4.81 26.41
N GLU C 113 26.72 5.80 26.55
CA GLU C 113 26.95 6.97 27.41
C GLU C 113 25.69 7.31 28.17
N LYS C 114 25.88 8.06 29.24
CA LYS C 114 24.77 8.60 30.00
C LYS C 114 24.67 10.10 29.79
N PHE C 115 23.47 10.62 30.02
CA PHE C 115 23.13 11.99 29.70
C PHE C 115 22.57 12.67 30.94
N ASP C 116 22.85 13.96 31.09
CA ASP C 116 22.32 14.68 32.25
C ASP C 116 21.00 15.42 31.96
N SER C 117 20.55 15.45 30.71
CA SER C 117 19.23 16.01 30.39
C SER C 117 18.78 15.55 29.03
N VAL C 118 17.48 15.76 28.78
CA VAL C 118 16.87 15.45 27.47
C VAL C 118 17.60 16.21 26.38
N GLU C 119 17.88 17.48 26.64
CA GLU C 119 18.57 18.33 25.69
C GLU C 119 20.00 17.83 25.34
N GLN C 120 20.77 17.48 26.35
CA GLN C 120 22.12 16.89 26.10
C GLN C 120 21.99 15.58 25.31
N LEU C 121 21.01 14.76 25.69
CA LEU C 121 20.69 13.53 24.93
C LEU C 121 20.47 13.86 23.46
N LEU C 122 19.64 14.87 23.18
CA LEU C 122 19.32 15.24 21.81
C LEU C 122 20.53 15.82 21.05
N GLU C 123 21.34 16.58 21.77
CA GLU C 123 22.57 17.13 21.22
C GLU C 123 23.51 16.01 20.76
N VAL C 124 23.72 15.02 21.62
CA VAL C 124 24.55 13.85 21.29
C VAL C 124 23.94 13.11 20.07
N MET C 125 22.62 12.97 20.03
CA MET C 125 21.96 12.29 18.89
C MET C 125 22.25 12.98 17.56
N ALA C 126 22.10 14.33 17.54
CA ALA C 126 22.48 15.14 16.39
C ALA C 126 23.94 14.91 16.02
N LYS C 127 24.82 14.81 17.02
CA LYS C 127 26.23 14.50 16.79
C LYS C 127 26.46 13.09 16.21
N ASP C 128 25.70 12.10 16.68
CA ASP C 128 25.77 10.71 16.15
C ASP C 128 25.34 10.71 14.68
N VAL C 129 24.30 11.50 14.39
CA VAL C 129 23.76 11.63 13.06
C VAL C 129 24.80 12.16 12.08
N GLN C 130 25.55 13.19 12.47
CA GLN C 130 26.58 13.76 11.63
C GLN C 130 27.76 12.81 11.40
N LYS C 131 28.21 12.15 12.48
CA LYS C 131 29.22 11.10 12.34
C LYS C 131 28.75 9.99 11.38
N THR C 132 27.48 9.62 11.49
CA THR C 132 26.90 8.57 10.65
C THR C 132 27.00 8.92 9.17
N ARG C 133 26.65 10.15 8.81
CA ARG C 133 26.77 10.61 7.42
C ARG C 133 28.21 10.46 6.93
N THR C 134 29.14 10.97 7.72
CA THR C 134 30.57 10.93 7.44
C THR C 134 31.10 9.49 7.30
N LEU C 135 30.74 8.63 8.25
CA LEU C 135 31.17 7.24 8.21
C LEU C 135 30.62 6.49 7.00
N LEU C 136 29.34 6.70 6.70
CA LEU C 136 28.68 5.96 5.62
C LEU C 136 29.08 6.48 4.22
N ALA C 137 29.44 7.77 4.13
CA ALA C 137 29.96 8.34 2.88
C ALA C 137 31.29 7.71 2.44
N GLN C 138 32.10 7.29 3.40
CA GLN C 138 33.34 6.52 3.13
C GLN C 138 33.01 5.10 2.65
N ASP C 139 32.04 4.46 3.30
CA ASP C 139 31.60 3.09 2.97
C ASP C 139 30.98 2.98 1.58
N VAL C 140 30.42 4.09 1.07
CA VAL C 140 30.16 4.24 -0.36
C VAL C 140 31.43 4.79 -1.03
N THR C 149 19.92 1.09 -4.98
CA THR C 149 20.19 0.17 -3.87
C THR C 149 20.31 0.86 -2.50
N TYR C 150 20.84 2.09 -2.42
CA TYR C 150 20.95 2.79 -1.11
C TYR C 150 20.51 4.25 -1.13
N PHE C 151 20.24 4.79 0.06
CA PHE C 151 19.82 6.18 0.26
C PHE C 151 20.64 6.82 1.39
N LEU C 152 21.36 7.89 1.06
CA LEU C 152 22.19 8.63 2.01
C LEU C 152 22.24 10.12 1.60
N GLN C 153 21.74 11.00 2.46
CA GLN C 153 21.95 12.45 2.27
C GLN C 153 23.22 12.89 2.99
N ALA C 154 24.00 13.73 2.32
CA ALA C 154 25.24 14.26 2.88
C ALA C 154 24.99 15.32 3.98
N GLU C 155 23.77 15.88 4.04
CA GLU C 155 23.40 16.88 5.06
C GLU C 155 21.99 16.63 5.62
N HIS D 4 -6.37 -21.78 29.67
CA HIS D 4 -6.40 -22.07 28.19
C HIS D 4 -5.00 -22.05 27.60
N PHE D 5 -4.81 -22.82 26.54
CA PHE D 5 -3.57 -22.75 25.79
C PHE D 5 -3.43 -21.33 25.16
N TYR D 6 -2.23 -20.77 25.19
CA TYR D 6 -2.02 -19.47 24.54
C TYR D 6 -0.63 -19.35 23.95
N VAL D 7 -0.49 -18.40 23.02
CA VAL D 7 0.79 -17.96 22.49
C VAL D 7 0.90 -16.44 22.62
N THR D 8 2.11 -15.91 22.61
CA THR D 8 2.30 -14.46 22.57
C THR D 8 3.32 -14.11 21.50
N GLY D 9 3.22 -12.89 21.00
CA GLY D 9 4.08 -12.42 19.94
C GLY D 9 3.60 -11.08 19.37
N PRO D 10 4.49 -10.35 18.69
CA PRO D 10 4.08 -9.13 18.07
C PRO D 10 3.19 -9.33 16.84
N VAL D 11 2.29 -8.38 16.60
CA VAL D 11 1.46 -8.37 15.38
C VAL D 11 2.32 -7.79 14.26
N VAL D 12 2.40 -8.50 13.13
CA VAL D 12 3.27 -8.10 12.02
C VAL D 12 2.54 -8.06 10.71
N ARG D 13 3.23 -7.57 9.69
CA ARG D 13 2.63 -7.44 8.35
C ARG D 13 2.50 -8.78 7.64
N GLY D 14 1.46 -8.91 6.82
CA GLY D 14 1.18 -10.16 6.11
C GLY D 14 2.17 -10.35 4.97
N GLY D 23 -11.33 -12.22 3.32
CA GLY D 23 -11.76 -10.82 3.40
C GLY D 23 -11.38 -10.09 4.69
N PHE D 24 -11.39 -10.78 5.82
CA PHE D 24 -11.17 -10.15 7.15
C PHE D 24 -9.88 -9.37 7.33
N PRO D 25 -9.93 -8.26 8.11
CA PRO D 25 -8.68 -7.87 8.74
C PRO D 25 -8.31 -8.90 9.79
N THR D 26 -7.07 -9.39 9.71
CA THR D 26 -6.55 -10.38 10.64
C THR D 26 -5.20 -9.92 11.15
N ALA D 27 -5.04 -9.89 12.48
CA ALA D 27 -3.77 -9.55 13.11
C ALA D 27 -2.87 -10.76 13.03
N ASN D 28 -1.80 -10.67 12.24
CA ASN D 28 -0.84 -11.78 12.04
C ASN D 28 0.30 -11.91 13.06
N GLN D 29 0.51 -13.14 13.55
CA GLN D 29 1.69 -13.50 14.28
C GLN D 29 2.33 -14.71 13.58
N TYR D 30 3.67 -14.75 13.54
CA TYR D 30 4.39 -15.84 12.91
C TYR D 30 5.27 -16.46 13.97
N PHE D 31 5.37 -17.77 13.88
CA PHE D 31 6.09 -18.56 14.86
C PHE D 31 6.97 -19.59 14.17
N HIS D 32 8.15 -19.80 14.73
CA HIS D 32 8.95 -21.01 14.44
C HIS D 32 8.02 -22.21 14.71
N ASP D 33 7.98 -23.20 13.82
CA ASP D 33 7.10 -24.37 14.04
C ASP D 33 7.45 -25.25 15.25
N THR D 34 8.61 -25.01 15.85
CA THR D 34 8.94 -25.55 17.16
C THR D 34 8.13 -24.91 18.32
N VAL D 35 7.34 -23.85 18.05
CA VAL D 35 6.36 -23.34 19.01
C VAL D 35 5.11 -24.22 18.94
N ALA D 36 4.67 -24.74 20.07
CA ALA D 36 3.44 -25.57 20.13
C ALA D 36 2.24 -24.81 19.62
N LEU D 37 1.58 -25.35 18.59
CA LEU D 37 0.33 -24.83 18.09
C LEU D 37 -0.59 -25.98 17.75
N PRO D 38 -1.91 -25.75 17.80
CA PRO D 38 -2.81 -26.77 17.33
C PRO D 38 -2.82 -26.80 15.81
N ALA D 39 -3.56 -27.77 15.24
CA ALA D 39 -3.57 -27.98 13.80
C ALA D 39 -4.15 -26.77 13.05
N ASP D 40 -3.72 -26.65 11.82
CA ASP D 40 -4.28 -25.65 10.90
C ASP D 40 -5.79 -25.67 10.98
N GLY D 41 -6.41 -24.50 11.05
CA GLY D 41 -7.87 -24.37 11.02
C GLY D 41 -8.36 -23.14 11.70
N VAL D 42 -9.66 -23.11 12.02
CA VAL D 42 -10.29 -21.97 12.66
C VAL D 42 -10.67 -22.30 14.10
N TYR D 43 -10.32 -21.39 15.02
CA TYR D 43 -10.57 -21.56 16.44
C TYR D 43 -11.26 -20.30 16.97
N ALA D 44 -11.98 -20.45 18.07
CA ALA D 44 -12.57 -19.32 18.80
C ALA D 44 -11.66 -19.06 19.97
N GLY D 45 -11.36 -17.79 20.21
CA GLY D 45 -10.64 -17.42 21.40
C GLY D 45 -10.62 -15.95 21.72
N TRP D 46 -9.62 -15.58 22.52
CA TRP D 46 -9.41 -14.24 23.04
C TRP D 46 -8.05 -13.69 22.62
N LEU D 47 -8.05 -12.44 22.17
CA LEU D 47 -6.84 -11.71 21.89
C LEU D 47 -6.70 -10.60 22.93
N THR D 48 -5.53 -10.52 23.57
CA THR D 48 -5.27 -9.52 24.60
C THR D 48 -4.01 -8.76 24.23
N ILE D 49 -4.09 -7.43 24.21
CA ILE D 49 -2.87 -6.63 24.11
C ILE D 49 -2.20 -6.66 25.49
N LEU D 50 -0.96 -7.19 25.56
CA LEU D 50 -0.30 -7.41 26.83
C LEU D 50 0.05 -6.08 27.52
N PRO D 51 0.26 -6.11 28.85
CA PRO D 51 0.43 -4.82 29.57
C PRO D 51 1.49 -3.95 28.90
N THR D 52 1.20 -2.67 28.72
CA THR D 52 2.13 -1.77 28.05
C THR D 52 1.77 -0.34 28.29
N GLU D 53 2.78 0.52 28.38
CA GLU D 53 2.55 1.97 28.34
C GLU D 53 2.51 2.51 26.90
N ALA D 54 2.71 1.66 25.88
CA ALA D 54 2.63 2.15 24.49
C ALA D 54 1.19 2.49 24.11
N PRO D 55 0.95 3.69 23.56
CA PRO D 55 -0.37 4.02 23.03
C PRO D 55 -0.87 3.03 22.00
N VAL D 56 -2.17 2.72 22.08
CA VAL D 56 -2.86 1.92 21.10
C VAL D 56 -3.82 2.85 20.37
N SER D 57 -3.67 2.99 19.04
CA SER D 57 -4.58 3.78 18.24
C SER D 57 -5.82 2.94 17.88
N GLY D 58 -7.00 3.54 18.05
CA GLY D 58 -8.29 2.88 17.83
C GLY D 58 -9.01 2.54 19.13
N ASN D 59 -9.94 1.56 19.04
CA ASN D 59 -10.86 1.24 20.17
C ASN D 59 -10.58 -0.09 20.89
N MET D 60 -9.29 -0.45 20.99
CA MET D 60 -8.88 -1.53 21.86
C MET D 60 -7.94 -0.97 22.89
N GLU D 61 -7.99 -1.53 24.09
CA GLU D 61 -7.14 -1.14 25.20
C GLU D 61 -6.31 -2.33 25.66
N PRO D 62 -5.12 -2.09 26.27
CA PRO D 62 -4.36 -3.23 26.82
C PRO D 62 -5.03 -3.92 28.02
N GLU D 63 -4.70 -5.19 28.25
CA GLU D 63 -5.23 -6.00 29.37
C GLU D 63 -6.76 -6.25 29.37
N VAL D 64 -7.40 -6.09 28.20
CA VAL D 64 -8.78 -6.51 27.96
C VAL D 64 -8.71 -7.68 26.97
N ALA D 65 -9.30 -8.81 27.35
CA ALA D 65 -9.43 -9.97 26.47
C ALA D 65 -10.59 -9.75 25.49
N TYR D 66 -10.28 -9.61 24.20
CA TYR D 66 -11.28 -9.35 23.11
C TYR D 66 -11.58 -10.59 22.29
N ALA D 67 -12.87 -10.77 21.99
CA ALA D 67 -13.36 -11.91 21.22
C ALA D 67 -12.67 -11.94 19.86
N ALA D 68 -12.09 -13.09 19.50
CA ALA D 68 -11.43 -13.23 18.21
C ALA D 68 -11.76 -14.56 17.52
N ALA D 69 -11.92 -14.50 16.19
CA ALA D 69 -11.86 -15.66 15.33
C ALA D 69 -10.44 -15.80 14.81
N ILE D 70 -9.87 -16.98 15.05
CA ILE D 70 -8.44 -17.22 14.89
C ILE D 70 -8.23 -18.28 13.84
N SER D 71 -7.41 -17.97 12.85
CA SER D 71 -7.00 -18.92 11.82
C SER D 71 -5.56 -19.31 12.10
N VAL D 72 -5.29 -20.61 12.20
CA VAL D 72 -3.94 -21.12 12.33
C VAL D 72 -3.57 -21.69 11.00
N GLY D 73 -2.38 -21.32 10.55
CA GLY D 73 -1.92 -21.77 9.23
C GLY D 73 -0.49 -22.21 9.28
N THR D 74 -0.03 -22.69 8.14
CA THR D 74 1.27 -23.28 7.94
C THR D 74 1.76 -22.90 6.53
N ASN D 75 2.98 -22.39 6.45
CA ASN D 75 3.48 -21.68 5.27
C ASN D 75 4.34 -22.57 4.37
N GLN D 82 7.14 -19.95 9.63
CA GLN D 82 6.59 -21.33 9.43
C GLN D 82 5.13 -21.60 9.83
N ARG D 83 4.75 -21.21 11.04
CA ARG D 83 3.31 -21.24 11.42
C ARG D 83 2.79 -19.82 11.55
N SER D 84 1.49 -19.65 11.29
CA SER D 84 0.83 -18.38 11.45
C SER D 84 -0.40 -18.46 12.33
N VAL D 85 -0.66 -17.36 13.04
CA VAL D 85 -1.89 -17.22 13.83
C VAL D 85 -2.50 -15.88 13.37
N GLU D 86 -3.67 -15.95 12.77
CA GLU D 86 -4.29 -14.78 12.15
C GLU D 86 -5.64 -14.58 12.82
N SER D 87 -5.76 -13.50 13.60
CA SER D 87 -6.87 -13.25 14.51
C SER D 87 -7.68 -12.04 14.08
N PHE D 88 -8.96 -12.28 13.71
CA PHE D 88 -9.93 -11.20 13.49
C PHE D 88 -10.62 -10.91 14.82
N VAL D 89 -10.46 -9.68 15.30
CA VAL D 89 -11.04 -9.27 16.58
C VAL D 89 -12.42 -8.70 16.29
N LEU D 90 -13.43 -9.37 16.85
CA LEU D 90 -14.83 -9.08 16.58
C LEU D 90 -15.23 -7.67 17.02
N ASP D 91 -15.78 -6.91 16.07
CA ASP D 91 -16.49 -5.65 16.34
C ASP D 91 -15.54 -4.49 16.72
N ARG D 92 -14.27 -4.57 16.30
CA ARG D 92 -13.27 -3.58 16.69
C ARG D 92 -12.42 -3.09 15.55
N ASP D 93 -11.72 -1.99 15.79
CA ASP D 93 -10.81 -1.40 14.81
C ASP D 93 -9.68 -0.73 15.55
N ALA D 94 -8.45 -1.20 15.27
CA ALA D 94 -7.25 -0.64 15.87
C ALA D 94 -6.01 -0.99 15.09
N ASP D 95 -4.98 -0.16 15.24
CA ASP D 95 -3.66 -0.44 14.68
C ASP D 95 -2.95 -1.32 15.69
N LEU D 96 -2.82 -2.61 15.37
CA LEU D 96 -2.13 -3.55 16.24
C LEU D 96 -0.69 -3.78 15.85
N TYR D 97 -0.29 -3.30 14.67
CA TYR D 97 1.06 -3.56 14.17
C TYR D 97 2.12 -3.20 15.20
N GLY D 98 2.91 -4.21 15.55
CA GLY D 98 4.05 -4.08 16.42
C GLY D 98 3.73 -4.25 17.89
N HIS D 99 2.46 -4.34 18.25
CA HIS D 99 2.09 -4.52 19.65
C HIS D 99 2.22 -5.99 19.99
N ASP D 100 2.68 -6.23 21.23
CA ASP D 100 2.76 -7.58 21.78
C ASP D 100 1.38 -8.07 22.25
N VAL D 101 0.89 -9.18 21.68
CA VAL D 101 -0.45 -9.66 22.03
C VAL D 101 -0.45 -11.15 22.40
N LYS D 102 -1.39 -11.49 23.28
CA LYS D 102 -1.63 -12.86 23.68
C LYS D 102 -2.88 -13.39 22.93
N VAL D 103 -2.77 -14.60 22.37
CA VAL D 103 -3.93 -15.22 21.77
C VAL D 103 -4.19 -16.55 22.50
N GLU D 104 -5.30 -16.61 23.24
CA GLU D 104 -5.73 -17.82 23.93
C GLU D 104 -6.74 -18.56 23.08
N PHE D 105 -6.59 -19.88 23.01
CA PHE D 105 -7.44 -20.72 22.15
C PHE D 105 -8.47 -21.33 23.08
N VAL D 106 -9.74 -21.09 22.81
CA VAL D 106 -10.82 -21.64 23.62
C VAL D 106 -11.39 -22.91 23.00
N ASP D 107 -11.68 -22.89 21.71
CA ASP D 107 -12.35 -24.02 21.08
C ASP D 107 -12.09 -24.11 19.60
N HIS D 108 -12.19 -25.34 19.10
CA HIS D 108 -12.06 -25.63 17.67
C HIS D 108 -13.37 -25.33 16.96
N VAL D 109 -13.31 -24.58 15.85
CA VAL D 109 -14.50 -24.20 15.06
C VAL D 109 -14.59 -25.06 13.79
N ARG D 110 -13.53 -25.05 12.97
CA ARG D 110 -13.46 -25.96 11.82
C ARG D 110 -12.05 -26.18 11.31
N ALA D 111 -11.91 -27.23 10.51
CA ALA D 111 -10.71 -27.51 9.74
C ALA D 111 -10.55 -26.52 8.59
N MET D 112 -9.33 -26.40 8.07
CA MET D 112 -9.03 -25.61 6.88
C MET D 112 -9.87 -26.17 5.72
N GLU D 113 -10.39 -25.29 4.86
CA GLU D 113 -11.25 -25.69 3.73
C GLU D 113 -10.93 -24.82 2.52
N LYS D 114 -11.14 -25.39 1.34
CA LYS D 114 -11.04 -24.68 0.06
C LYS D 114 -12.47 -24.37 -0.40
N PHE D 115 -12.64 -23.34 -1.21
CA PHE D 115 -13.97 -22.88 -1.59
C PHE D 115 -14.14 -22.77 -3.10
N ASP D 116 -15.32 -23.18 -3.58
CA ASP D 116 -15.61 -23.20 -5.03
C ASP D 116 -16.09 -21.87 -5.62
N SER D 117 -16.28 -20.85 -4.78
CA SER D 117 -16.80 -19.57 -5.24
C SER D 117 -16.66 -18.51 -4.14
N VAL D 118 -16.69 -17.24 -4.51
CA VAL D 118 -16.67 -16.16 -3.48
C VAL D 118 -17.85 -16.23 -2.49
N GLU D 119 -19.03 -16.62 -2.98
CA GLU D 119 -20.26 -16.77 -2.15
C GLU D 119 -20.02 -17.66 -0.97
N GLN D 120 -19.53 -18.87 -1.27
CA GLN D 120 -19.23 -19.91 -0.28
C GLN D 120 -18.23 -19.43 0.78
N LEU D 121 -17.13 -18.85 0.32
CA LEU D 121 -16.16 -18.22 1.20
C LEU D 121 -16.83 -17.19 2.13
N LEU D 122 -17.65 -16.32 1.57
CA LEU D 122 -18.30 -15.25 2.36
C LEU D 122 -19.25 -15.80 3.47
N GLU D 123 -20.05 -16.81 3.11
CA GLU D 123 -21.00 -17.43 4.04
C GLU D 123 -20.30 -18.19 5.17
N VAL D 124 -19.26 -18.94 4.81
CA VAL D 124 -18.51 -19.68 5.79
C VAL D 124 -17.82 -18.74 6.77
N MET D 125 -17.33 -17.58 6.30
CA MET D 125 -16.78 -16.56 7.20
C MET D 125 -17.80 -15.95 8.14
N ALA D 126 -18.98 -15.65 7.63
CA ALA D 126 -20.10 -15.27 8.51
C ALA D 126 -20.36 -16.35 9.60
N LYS D 127 -20.37 -17.62 9.19
CA LYS D 127 -20.54 -18.74 10.15
C LYS D 127 -19.40 -18.92 11.15
N ASP D 128 -18.16 -18.70 10.71
CA ASP D 128 -17.02 -18.71 11.64
C ASP D 128 -17.25 -17.67 12.76
N VAL D 129 -17.69 -16.48 12.36
CA VAL D 129 -17.93 -15.39 13.29
C VAL D 129 -19.10 -15.71 14.26
N GLN D 130 -20.21 -16.21 13.74
CA GLN D 130 -21.36 -16.60 14.60
C GLN D 130 -21.01 -17.73 15.55
N LYS D 131 -20.30 -18.75 15.04
CA LYS D 131 -19.89 -19.86 15.89
C LYS D 131 -18.93 -19.40 17.00
N THR D 132 -18.03 -18.46 16.67
CA THR D 132 -17.12 -17.85 17.65
C THR D 132 -17.88 -17.12 18.75
N ARG D 133 -18.84 -16.28 18.38
CA ARG D 133 -19.70 -15.62 19.38
C ARG D 133 -20.34 -16.63 20.32
N THR D 134 -20.85 -17.73 19.76
CA THR D 134 -21.55 -18.77 20.55
C THR D 134 -20.63 -19.55 21.49
N LEU D 135 -19.47 -19.96 20.99
CA LEU D 135 -18.48 -20.67 21.81
C LEU D 135 -17.89 -19.77 22.91
N LEU D 136 -17.73 -18.47 22.62
CA LEU D 136 -17.21 -17.54 23.62
C LEU D 136 -18.23 -17.13 24.67
N ALA D 137 -19.52 -17.10 24.32
CA ALA D 137 -20.59 -16.87 25.30
C ALA D 137 -20.63 -17.97 26.36
N GLN D 138 -20.35 -19.22 25.96
CA GLN D 138 -20.24 -20.35 26.89
C GLN D 138 -19.06 -20.22 27.87
N ASP D 139 -17.85 -20.02 27.33
CA ASP D 139 -16.64 -19.83 28.14
C ASP D 139 -16.82 -18.75 29.23
N VAL D 140 -17.62 -17.73 28.95
CA VAL D 140 -18.03 -16.72 29.94
C VAL D 140 -18.94 -17.30 31.04
N GLN D 141 -19.84 -18.23 30.70
CA GLN D 141 -20.65 -18.93 31.73
C GLN D 141 -19.89 -20.07 32.41
N ALA D 142 -18.93 -20.68 31.71
CA ALA D 142 -18.07 -21.72 32.28
C ALA D 142 -17.14 -21.12 33.35
N HIS D 143 -16.44 -20.05 32.98
CA HIS D 143 -15.62 -19.26 33.91
C HIS D 143 -16.31 -17.94 34.19
N LYS D 144 -16.61 -17.65 35.46
CA LYS D 144 -17.16 -16.35 35.87
C LYS D 144 -16.29 -15.13 35.45
N MET D 145 -14.99 -15.36 35.22
CA MET D 145 -14.06 -14.35 34.68
C MET D 145 -14.08 -13.05 35.50
N ALA D 146 -14.74 -12.00 34.97
CA ALA D 146 -14.79 -10.66 35.59
C ALA D 146 -15.52 -9.71 34.63
N PRO D 147 -16.11 -8.62 35.14
CA PRO D 147 -17.01 -7.80 34.32
C PRO D 147 -16.32 -6.94 33.24
N GLU D 148 -15.09 -6.47 33.49
CA GLU D 148 -14.36 -5.61 32.54
C GLU D 148 -12.96 -6.13 32.12
N THR D 149 -12.66 -7.40 32.42
CA THR D 149 -11.46 -8.07 31.91
C THR D 149 -11.65 -8.56 30.46
N TYR D 150 -12.90 -8.68 30.01
CA TYR D 150 -13.20 -9.18 28.65
C TYR D 150 -14.20 -8.32 27.87
N PHE D 151 -14.29 -8.63 26.58
CA PHE D 151 -15.13 -7.87 25.64
C PHE D 151 -15.68 -8.82 24.57
N LEU D 152 -17.01 -8.80 24.42
CA LEU D 152 -17.72 -9.67 23.48
C LEU D 152 -19.15 -9.13 23.19
N GLN D 153 -19.52 -9.13 21.90
CA GLN D 153 -20.82 -8.64 21.45
C GLN D 153 -21.70 -9.84 21.05
N ALA D 154 -22.99 -9.74 21.35
CA ALA D 154 -23.97 -10.79 21.09
C ALA D 154 -24.58 -10.67 19.69
PB ADP E . 2.22 2.84 -21.56
O1B ADP E . 2.16 2.59 -23.03
O2B ADP E . 1.06 2.13 -20.91
O3B ADP E . 2.31 4.32 -21.26
PA ADP E . 5.04 2.57 -20.78
O1A ADP E . 5.24 3.97 -21.32
O2A ADP E . 5.85 1.33 -21.15
O3A ADP E . 3.52 1.99 -21.02
O5' ADP E . 5.17 2.61 -19.21
C5' ADP E . 4.52 3.73 -18.58
C4' ADP E . 4.16 3.42 -17.16
O4' ADP E . 5.35 3.00 -16.41
C3' ADP E . 3.59 4.65 -16.45
O3' ADP E . 2.17 4.79 -16.64
C2' ADP E . 3.97 4.39 -15.01
O2' ADP E . 2.94 3.62 -14.43
C1' ADP E . 5.20 3.49 -15.04
N9 ADP E . 6.47 4.14 -14.68
C8 ADP E . 7.47 3.50 -14.01
N7 ADP E . 8.55 4.30 -13.89
C5 ADP E . 8.25 5.46 -14.53
C6 ADP E . 8.93 6.73 -14.77
N6 ADP E . 10.18 6.91 -14.31
N1 ADP E . 8.31 7.68 -15.51
C2 ADP E . 7.08 7.50 -15.98
N3 ADP E . 6.38 6.39 -15.76
C4 ADP E . 6.91 5.34 -15.06
C1 GOL F . 4.97 4.62 -25.33
O1 GOL F . 5.57 5.14 -24.13
C2 GOL F . 3.45 4.41 -25.26
O2 GOL F . 2.95 4.87 -23.99
C3 GOL F . 2.72 5.16 -26.38
O3 GOL F . 1.34 4.77 -26.40
C1 GOL G . 6.17 4.81 -0.42
O1 GOL G . 7.54 5.15 -0.58
C2 GOL G . 5.60 4.21 -1.68
O2 GOL G . 4.43 3.52 -1.26
C3 GOL G . 5.32 5.32 -2.67
O3 GOL G . 4.30 6.21 -2.18
CA CA H . 4.01 5.67 -22.17
PB ADP I . -9.03 1.15 -5.41
O1B ADP I . -9.33 2.01 -4.19
O2B ADP I . -7.69 1.64 -6.01
O3B ADP I . -10.23 0.85 -6.22
PA ADP I . -9.42 -1.71 -4.64
O1A ADP I . -10.87 -1.52 -4.90
O2A ADP I . -9.00 -2.31 -3.39
O3A ADP I . -8.60 -0.29 -4.73
O5' ADP I . -8.85 -2.60 -5.84
C5' ADP I . -9.50 -2.54 -7.11
C4' ADP I . -8.48 -2.78 -8.21
O4' ADP I . -8.04 -4.13 -8.12
C3' ADP I . -8.95 -2.58 -9.63
O3' ADP I . -8.68 -1.25 -10.07
C2' ADP I . -8.22 -3.63 -10.43
O2' ADP I . -7.00 -3.04 -10.94
C1' ADP I . -7.87 -4.71 -9.41
N9 ADP I . -8.73 -5.90 -9.41
C8 ADP I . -8.23 -7.13 -9.20
N7 ADP I . -9.21 -8.07 -9.28
C5 ADP I . -10.36 -7.42 -9.49
C6 ADP I . -11.78 -7.83 -9.66
N6 ADP I . -12.14 -9.13 -9.59
N1 ADP I . -12.71 -6.85 -9.91
C2 ADP I . -12.34 -5.55 -10.01
N3 ADP I . -11.06 -5.12 -9.87
C4 ADP I . -10.05 -5.98 -9.61
C1 GOL J . -12.80 0.78 -2.27
O1 GOL J . -13.27 -0.01 -3.37
C2 GOL J . -12.18 2.10 -2.74
O2 GOL J . -12.01 2.15 -4.18
C3 GOL J . -12.97 3.32 -2.30
O3 GOL J . -12.09 4.45 -2.38
CA CA K . -12.28 0.15 -5.64
PB ADP L . 8.29 3.44 19.74
O1B ADP L . 8.43 3.66 21.20
O2B ADP L . 7.09 2.64 19.38
O3B ADP L . 9.65 3.07 19.18
PA ADP L . 8.98 6.03 18.53
O1A ADP L . 10.43 5.86 18.68
O2A ADP L . 8.37 7.35 19.00
O3A ADP L . 8.00 4.94 19.24
O5' ADP L . 8.62 5.97 16.99
C5' ADP L . 9.30 4.98 16.19
C4' ADP L . 8.46 4.59 15.01
O4' ADP L . 8.27 5.72 14.16
C3' ADP L . 9.10 3.50 14.12
O3' ADP L . 8.75 2.17 14.48
C2' ADP L . 8.55 3.81 12.74
O2' ADP L . 7.32 3.13 12.54
C1' ADP L . 8.26 5.30 12.76
N9 ADP L . 9.27 6.13 12.09
C8 ADP L . 8.92 7.29 11.42
N7 ADP L . 10.03 7.91 10.95
C5 ADP L . 11.10 7.20 11.36
C6 ADP L . 12.56 7.31 11.16
N6 ADP L . 13.09 8.35 10.47
N1 ADP L . 13.34 6.37 11.77
C2 ADP L . 12.81 5.33 12.44
N3 ADP L . 11.50 5.16 12.65
C4 ADP L . 10.60 6.04 12.12
C1 GOL M . 11.80 5.48 22.68
O1 GOL M . 12.28 5.79 21.35
C2 GOL M . 11.36 4.03 22.80
O2 GOL M . 11.12 3.48 21.49
C3 GOL M . 12.38 3.16 23.55
O3 GOL M . 11.69 1.98 24.05
C1 GOL N . 16.08 6.60 21.58
O1 GOL N . 15.88 5.46 20.73
C2 GOL N . 15.66 7.89 20.87
O2 GOL N . 14.34 7.77 20.31
C3 GOL N . 15.73 9.07 21.85
O3 GOL N . 14.92 8.84 23.02
CA CA O . 11.74 3.91 19.35
PB ADP P . -1.87 -7.87 7.02
O1B ADP P . -1.75 -8.57 5.68
O2B ADP P . -0.77 -6.84 7.23
O3B ADP P . -2.18 -8.70 8.23
PA ADP P . -4.73 -7.27 7.06
O1A ADP P . -5.09 -8.68 7.44
O2A ADP P . -5.41 -6.67 5.86
O3A ADP P . -3.17 -6.95 6.83
O5' ADP P . -5.05 -6.24 8.27
C5' ADP P . -4.60 -6.62 9.56
C4' ADP P . -4.29 -5.42 10.41
O4' ADP P . -5.48 -4.65 10.52
C3' ADP P . -3.91 -5.82 11.83
O3' ADP P . -2.49 -6.00 11.94
C2' ADP P . -4.43 -4.64 12.64
O2' ADP P . -3.41 -3.67 12.77
C1' ADP P . -5.54 -4.02 11.81
N9 ADP P . -6.93 -4.25 12.29
C8 ADP P . -7.93 -3.34 12.25
N7 ADP P . -9.10 -3.85 12.73
C5 ADP P . -8.84 -5.11 13.06
C6 ADP P . -9.61 -6.23 13.63
N6 ADP P . -10.91 -6.06 13.94
N1 ADP P . -8.99 -7.41 13.85
C2 ADP P . -7.70 -7.58 13.56
N3 ADP P . -6.92 -6.62 13.03
C4 ADP P . -7.43 -5.38 12.78
C1 GOL Q . -2.12 -12.03 4.09
O1 GOL Q . -0.75 -12.31 4.40
C2 GOL Q . -2.95 -12.04 5.38
O2 GOL Q . -2.45 -11.09 6.32
C3 GOL Q . -4.41 -11.69 5.06
O3 GOL Q . -5.14 -11.58 6.29
CA CA R . -3.77 -10.43 8.20
#